data_4ICA
#
_entry.id   4ICA
#
_cell.length_a   28.480
_cell.length_b   71.300
_cell.length_c   57.060
_cell.angle_alpha   90.00
_cell.angle_beta   99.63
_cell.angle_gamma   90.00
#
_symmetry.space_group_name_H-M   'P 1 21 1'
#
loop_
_entity.id
_entity.type
_entity.pdbx_description
1 polymer 'Matrix protein p15'
2 non-polymer 2-(2-(2-(2-(2-(2-ETHOXYETHOXY)ETHOXY)ETHOXY)ETHOXY)ETHOXY)ETHANOL
3 water water
#
_entity_poly.entity_id   1
_entity_poly.type   'polypeptide(L)'
_entity_poly.pdbx_seq_one_letter_code
;MGNGQGRDWKMAIKRCSNVAVGVGGKSKKFGEGNFRWAIRMANVSTGREPGDIPETLDQLRLVICDLQERREKFGSSKEI
DMAIVTLKVFAVAGLLNMTVSTAAAAENMYSQMGLDTRPSLVPRGSLEHHHHHH
;
_entity_poly.pdbx_strand_id   A,B
#
loop_
_chem_comp.id
_chem_comp.type
_chem_comp.name
_chem_comp.formula
7PE non-polymer 2-(2-(2-(2-(2-(2-ETHOXYETHOXY)ETHOXY)ETHOXY)ETHOXY)ETHOXY)ETHANOL 'C14 H30 O7'
#
# COMPACT_ATOMS: atom_id res chain seq x y z
N GLY A 2 -6.76 18.53 -3.53
CA GLY A 2 -6.45 19.22 -4.76
C GLY A 2 -6.63 20.72 -4.64
N ASN A 3 -5.85 21.35 -3.78
CA ASN A 3 -5.92 22.78 -3.57
C ASN A 3 -4.62 23.37 -3.03
N GLY A 4 -3.72 23.74 -3.94
CA GLY A 4 -2.47 24.37 -3.57
C GLY A 4 -2.57 25.88 -3.65
N GLN A 5 -3.73 26.41 -3.27
CA GLN A 5 -3.98 27.84 -3.36
C GLN A 5 -4.48 28.40 -2.03
N GLY A 6 -4.86 27.51 -1.12
CA GLY A 6 -5.38 27.91 0.18
C GLY A 6 -4.36 28.61 1.05
N ARG A 7 -4.85 29.38 2.01
CA ARG A 7 -3.96 30.13 2.91
C ARG A 7 -3.23 29.21 3.89
N ASP A 8 -3.83 28.08 4.20
CA ASP A 8 -3.17 27.08 5.05
C ASP A 8 -2.01 26.44 4.30
N TRP A 9 -2.17 26.30 2.99
CA TRP A 9 -1.12 25.75 2.14
C TRP A 9 0.08 26.68 2.09
N LYS A 10 -0.19 27.97 1.96
CA LYS A 10 0.88 28.97 1.89
C LYS A 10 1.64 29.08 3.21
N MET A 11 0.93 28.94 4.31
CA MET A 11 1.56 28.96 5.63
C MET A 11 2.46 27.74 5.83
N ALA A 12 2.05 26.62 5.24
CA ALA A 12 2.84 25.39 5.31
C ALA A 12 4.14 25.54 4.54
N ILE A 13 4.06 26.19 3.38
CA ILE A 13 5.24 26.47 2.56
C ILE A 13 6.15 27.48 3.25
N LYS A 14 5.54 28.49 3.86
CA LYS A 14 6.29 29.55 4.55
C LYS A 14 7.11 28.99 5.70
N ARG A 15 6.56 28.00 6.39
CA ARG A 15 7.27 27.34 7.48
C ARG A 15 8.49 26.58 6.94
N CYS A 16 8.33 26.01 5.76
CA CYS A 16 9.38 25.20 5.15
C CYS A 16 10.44 26.06 4.46
N SER A 17 10.25 27.37 4.49
CA SER A 17 11.19 28.29 3.85
C SER A 17 12.51 28.36 4.61
N ASN A 18 12.47 27.96 5.89
CA ASN A 18 13.66 27.99 6.73
C ASN A 18 14.50 26.74 6.59
N VAL A 19 13.92 25.69 6.00
CA VAL A 19 14.59 24.41 5.86
C VAL A 19 15.54 24.40 4.67
N ALA A 20 16.76 23.92 4.90
CA ALA A 20 17.77 23.84 3.85
C ALA A 20 17.76 22.48 3.17
N VAL A 21 18.06 22.47 1.87
CA VAL A 21 18.12 21.22 1.12
C VAL A 21 19.42 20.48 1.40
N GLY A 22 20.48 21.24 1.69
CA GLY A 22 21.76 20.66 2.04
C GLY A 22 21.86 20.38 3.53
N VAL A 23 22.95 19.72 3.92
CA VAL A 23 23.11 19.27 5.30
C VAL A 23 23.66 20.36 6.21
N GLY A 24 24.15 21.45 5.62
CA GLY A 24 24.70 22.54 6.39
C GLY A 24 24.05 23.87 6.08
N GLY A 25 24.65 24.96 6.57
CA GLY A 25 24.21 26.30 6.24
C GLY A 25 24.78 26.75 4.91
N LYS A 26 25.52 25.84 4.26
CA LYS A 26 26.12 26.11 2.97
C LYS A 26 25.28 25.52 1.83
N SER A 27 24.01 25.90 1.76
CA SER A 27 23.13 25.36 0.74
C SER A 27 21.91 26.24 0.46
N LYS A 28 21.00 25.73 -0.37
CA LYS A 28 19.81 26.47 -0.76
C LYS A 28 18.69 26.30 0.25
N LYS A 29 17.61 27.05 0.06
CA LYS A 29 16.41 26.91 0.88
C LYS A 29 15.27 26.36 0.03
N PHE A 30 14.37 25.62 0.66
CA PHE A 30 13.22 25.05 -0.06
C PHE A 30 12.27 26.14 -0.53
N GLY A 31 11.88 26.05 -1.81
CA GLY A 31 10.91 26.98 -2.38
C GLY A 31 9.60 26.29 -2.65
N GLU A 32 8.58 27.07 -2.99
CA GLU A 32 7.25 26.52 -3.28
C GLU A 32 7.28 25.63 -4.51
N GLY A 33 8.16 25.94 -5.45
CA GLY A 33 8.32 25.15 -6.65
C GLY A 33 8.81 23.74 -6.36
N ASN A 34 9.63 23.62 -5.31
CA ASN A 34 10.16 22.33 -4.90
C ASN A 34 9.04 21.37 -4.47
N PHE A 35 8.09 21.91 -3.70
CA PHE A 35 7.01 21.09 -3.17
C PHE A 35 5.95 20.76 -4.22
N ARG A 36 5.64 21.72 -5.08
CA ARG A 36 4.69 21.48 -6.17
C ARG A 36 5.24 20.42 -7.12
N TRP A 37 6.55 20.47 -7.36
CA TRP A 37 7.21 19.48 -8.21
C TRP A 37 7.19 18.11 -7.54
N ALA A 38 7.51 18.07 -6.26
CA ALA A 38 7.58 16.82 -5.51
C ALA A 38 6.22 16.13 -5.42
N ILE A 39 5.19 16.91 -5.11
CA ILE A 39 3.82 16.39 -5.01
C ILE A 39 3.33 15.86 -6.36
N ARG A 40 3.54 16.63 -7.41
CA ARG A 40 3.12 16.29 -8.75
C ARG A 40 3.82 15.09 -9.27
N MET A 41 5.10 15.02 -8.99
CA MET A 41 5.92 13.90 -9.43
C MET A 41 5.53 12.62 -8.69
N ALA A 42 5.03 12.79 -7.46
CA ALA A 42 4.60 11.66 -6.66
C ALA A 42 3.21 11.17 -7.08
N ASN A 43 2.34 12.11 -7.43
CA ASN A 43 0.98 11.78 -7.87
C ASN A 43 0.97 10.99 -9.17
N VAL A 44 1.75 11.45 -10.14
CA VAL A 44 1.85 10.79 -11.44
C VAL A 44 2.43 9.39 -11.29
N SER A 45 3.44 9.26 -10.44
CA SER A 45 4.12 7.99 -10.23
C SER A 45 3.24 6.95 -9.53
N THR A 46 2.24 7.42 -8.78
CA THR A 46 1.41 6.53 -7.99
C THR A 46 -0.05 6.48 -8.45
N GLY A 47 -0.28 6.78 -9.73
CA GLY A 47 -1.60 6.69 -10.31
C GLY A 47 -2.60 7.67 -9.73
N ARG A 48 -2.12 8.80 -9.24
CA ARG A 48 -2.99 9.86 -8.74
C ARG A 48 -3.11 10.98 -9.77
N GLU A 49 -4.10 11.85 -9.58
CA GLU A 49 -4.26 13.00 -10.45
C GLU A 49 -3.14 14.01 -10.20
N PRO A 50 -2.48 14.47 -11.27
CA PRO A 50 -1.37 15.43 -11.27
C PRO A 50 -1.47 16.52 -10.20
N GLY A 51 -2.62 17.18 -10.11
CA GLY A 51 -2.80 18.29 -9.19
C GLY A 51 -3.52 17.95 -7.91
N ASP A 52 -3.26 16.76 -7.38
CA ASP A 52 -3.88 16.32 -6.13
C ASP A 52 -3.03 16.74 -4.94
N ILE A 53 -3.53 17.70 -4.17
CA ILE A 53 -2.80 18.22 -3.01
C ILE A 53 -3.31 17.58 -1.71
N PRO A 54 -2.41 16.90 -0.98
CA PRO A 54 -2.73 16.29 0.31
C PRO A 54 -3.12 17.34 1.35
N GLU A 55 -4.28 17.16 1.98
CA GLU A 55 -4.76 18.09 3.00
C GLU A 55 -4.23 17.71 4.38
N THR A 56 -4.61 16.53 4.84
CA THR A 56 -4.19 16.05 6.16
C THR A 56 -2.84 15.37 6.10
N LEU A 57 -2.27 15.10 7.27
CA LEU A 57 -0.99 14.40 7.36
C LEU A 57 -1.14 12.97 6.88
N ASP A 58 -2.28 12.37 7.16
CA ASP A 58 -2.55 10.99 6.76
C ASP A 58 -2.53 10.82 5.24
N GLN A 59 -3.07 11.80 4.54
CA GLN A 59 -3.09 11.77 3.07
C GLN A 59 -1.68 11.83 2.51
N LEU A 60 -0.84 12.68 3.10
CA LEU A 60 0.53 12.83 2.66
C LEU A 60 1.34 11.56 2.91
N ARG A 61 1.12 10.95 4.08
CA ARG A 61 1.80 9.70 4.44
C ARG A 61 1.48 8.58 3.45
N LEU A 62 0.25 8.55 2.96
CA LEU A 62 -0.16 7.55 1.97
C LEU A 62 0.62 7.74 0.68
N VAL A 63 0.79 9.00 0.28
CA VAL A 63 1.56 9.33 -0.91
C VAL A 63 3.03 8.96 -0.73
N ILE A 64 3.58 9.31 0.43
CA ILE A 64 4.97 9.01 0.74
C ILE A 64 5.22 7.50 0.80
N CYS A 65 4.31 6.77 1.43
CA CYS A 65 4.41 5.33 1.52
C CYS A 65 4.39 4.67 0.14
N ASP A 66 3.45 5.10 -0.70
CA ASP A 66 3.33 4.59 -2.05
C ASP A 66 4.59 4.90 -2.87
N LEU A 67 5.15 6.09 -2.66
CA LEU A 67 6.32 6.53 -3.40
C LEU A 67 7.57 5.78 -2.96
N GLN A 68 7.71 5.57 -1.64
CA GLN A 68 8.83 4.81 -1.11
C GLN A 68 8.74 3.34 -1.52
N GLU A 69 7.51 2.84 -1.61
CA GLU A 69 7.29 1.47 -2.06
C GLU A 69 7.71 1.31 -3.51
N ARG A 70 7.41 2.33 -4.32
CA ARG A 70 7.80 2.33 -5.72
C ARG A 70 9.32 2.39 -5.86
N ARG A 71 9.97 3.13 -4.97
CA ARG A 71 11.42 3.23 -4.96
C ARG A 71 12.03 1.88 -4.58
N GLU A 72 11.31 1.11 -3.78
CA GLU A 72 11.77 -0.19 -3.33
C GLU A 72 11.65 -1.23 -4.44
N LYS A 73 10.68 -1.03 -5.33
CA LYS A 73 10.42 -1.99 -6.40
C LYS A 73 11.20 -1.70 -7.67
N PHE A 74 11.25 -0.43 -8.06
CA PHE A 74 11.88 -0.05 -9.33
C PHE A 74 13.30 0.50 -9.18
N GLY A 75 13.62 0.96 -7.98
CA GLY A 75 14.97 1.46 -7.71
C GLY A 75 15.02 2.92 -7.31
N SER A 76 16.18 3.34 -6.83
CA SER A 76 16.37 4.72 -6.38
C SER A 76 17.02 5.59 -7.46
N SER A 77 16.84 6.89 -7.33
CA SER A 77 17.44 7.86 -8.23
C SER A 77 17.49 9.22 -7.55
N LYS A 78 18.22 10.15 -8.15
CA LYS A 78 18.35 11.49 -7.58
C LYS A 78 16.99 12.19 -7.53
N GLU A 79 16.15 11.91 -8.52
CA GLU A 79 14.84 12.54 -8.62
C GLU A 79 13.86 12.03 -7.58
N ILE A 80 13.71 10.71 -7.50
CA ILE A 80 12.73 10.11 -6.59
C ILE A 80 13.15 10.28 -5.12
N ASP A 81 14.45 10.37 -4.88
CA ASP A 81 14.94 10.64 -3.53
C ASP A 81 14.65 12.08 -3.12
N MET A 82 14.79 12.99 -4.08
CA MET A 82 14.49 14.40 -3.84
C MET A 82 13.00 14.61 -3.56
N ALA A 83 12.16 13.88 -4.29
CA ALA A 83 10.71 13.99 -4.12
C ALA A 83 10.27 13.48 -2.75
N ILE A 84 10.82 12.34 -2.35
CA ILE A 84 10.47 11.72 -1.08
C ILE A 84 10.87 12.59 0.12
N VAL A 85 12.10 13.07 0.11
CA VAL A 85 12.60 13.90 1.21
C VAL A 85 11.89 15.25 1.27
N THR A 86 11.47 15.75 0.11
CA THR A 86 10.78 17.03 0.03
C THR A 86 9.40 16.94 0.69
N LEU A 87 8.72 15.82 0.47
CA LEU A 87 7.41 15.59 1.08
C LEU A 87 7.53 15.43 2.58
N LYS A 88 8.60 14.77 3.03
CA LYS A 88 8.85 14.57 4.45
C LYS A 88 9.13 15.89 5.15
N VAL A 89 9.81 16.79 4.46
CA VAL A 89 10.05 18.14 4.97
C VAL A 89 8.72 18.86 5.11
N PHE A 90 7.87 18.72 4.10
CA PHE A 90 6.55 19.34 4.10
C PHE A 90 5.66 18.72 5.18
N ALA A 91 5.94 17.46 5.52
CA ALA A 91 5.17 16.77 6.55
C ALA A 91 5.54 17.25 7.95
N VAL A 92 6.85 17.34 8.20
CA VAL A 92 7.34 17.72 9.52
C VAL A 92 7.31 19.22 9.74
N ALA A 93 8.00 19.96 8.88
CA ALA A 93 8.15 21.41 9.04
C ALA A 93 6.89 22.16 8.60
N GLY A 94 6.09 21.54 7.76
CA GLY A 94 4.91 22.19 7.21
C GLY A 94 3.63 21.90 7.98
N LEU A 95 3.14 20.67 7.86
CA LEU A 95 1.88 20.29 8.48
C LEU A 95 1.98 20.20 10.00
N LEU A 96 3.06 19.59 10.49
CA LEU A 96 3.26 19.41 11.92
C LEU A 96 3.87 20.65 12.56
N ASN A 97 4.42 21.54 11.73
CA ASN A 97 5.06 22.77 12.20
C ASN A 97 6.16 22.50 13.23
N MET A 98 7.14 21.69 12.84
CA MET A 98 8.26 21.37 13.72
C MET A 98 9.56 21.88 13.11
N THR A 99 10.30 22.68 13.88
CA THR A 99 11.51 23.32 13.37
C THR A 99 12.64 22.34 13.09
N VAL A 100 13.00 22.23 11.81
CA VAL A 100 14.15 21.45 11.39
C VAL A 100 15.08 22.33 10.57
N SER A 101 16.39 22.12 10.73
CA SER A 101 17.37 22.94 10.04
C SER A 101 17.56 22.48 8.59
N THR A 102 17.75 21.18 8.41
CA THR A 102 18.03 20.63 7.10
C THR A 102 17.00 19.56 6.70
N ALA A 103 17.06 19.14 5.44
CA ALA A 103 16.16 18.11 4.93
C ALA A 103 16.49 16.76 5.57
N ALA A 104 17.75 16.57 5.93
CA ALA A 104 18.18 15.35 6.59
C ALA A 104 17.58 15.25 7.99
N ALA A 105 17.43 16.39 8.63
CA ALA A 105 16.83 16.45 9.96
C ALA A 105 15.35 16.10 9.91
N ALA A 106 14.68 16.59 8.87
CA ALA A 106 13.26 16.29 8.67
C ALA A 106 13.06 14.83 8.33
N GLU A 107 13.99 14.28 7.55
CA GLU A 107 13.94 12.87 7.18
C GLU A 107 14.15 11.99 8.41
N ASN A 108 15.01 12.46 9.32
CA ASN A 108 15.30 11.73 10.54
C ASN A 108 14.14 11.81 11.54
N MET A 109 13.46 12.94 11.58
CA MET A 109 12.32 13.13 12.46
C MET A 109 11.10 12.35 11.97
N TYR A 110 10.98 12.26 10.64
CA TYR A 110 9.86 11.54 10.02
C TYR A 110 9.91 10.06 10.39
N SER A 111 11.12 9.52 10.50
CA SER A 111 11.31 8.11 10.80
C SER A 111 11.13 7.81 12.29
N GLN A 112 11.70 8.67 13.13
CA GLN A 112 11.64 8.47 14.59
C GLN A 112 10.21 8.53 15.13
N MET A 113 9.38 9.35 14.50
CA MET A 113 7.99 9.49 14.92
C MET A 113 7.10 8.41 14.30
N GLY A 114 7.72 7.47 13.61
CA GLY A 114 7.02 6.33 13.04
C GLY A 114 6.07 6.68 11.92
N LEU A 115 6.30 7.82 11.28
CA LEU A 115 5.43 8.27 10.19
C LEU A 115 5.60 7.43 8.93
N ASP A 116 6.68 6.67 8.86
CA ASP A 116 6.92 5.76 7.74
C ASP A 116 5.89 4.64 7.70
N THR A 117 5.30 4.34 8.86
CA THR A 117 4.27 3.33 8.95
C THR A 117 2.99 3.79 8.26
N ARG A 118 2.36 2.89 7.53
CA ARG A 118 1.13 3.21 6.80
C ARG A 118 -0.06 3.24 7.76
N PRO A 119 -0.83 4.34 7.73
CA PRO A 119 -2.01 4.48 8.59
C PRO A 119 -3.17 3.60 8.14
N SER A 120 -4.28 3.65 8.87
CA SER A 120 -5.46 2.85 8.53
C SER A 120 -6.74 3.66 8.73
N GLY B 2 8.97 -26.37 -5.28
CA GLY B 2 7.67 -26.22 -5.91
C GLY B 2 6.80 -25.19 -5.20
N ASN B 3 6.08 -24.41 -5.99
CA ASN B 3 5.21 -23.37 -5.49
C ASN B 3 3.76 -23.81 -5.30
N GLY B 4 3.17 -24.42 -6.30
CA GLY B 4 1.82 -24.91 -6.17
C GLY B 4 1.89 -26.41 -6.18
N GLN B 5 2.91 -26.92 -5.52
CA GLN B 5 3.27 -28.28 -5.65
C GLN B 5 4.27 -28.56 -4.61
N GLY B 6 3.93 -28.27 -3.38
CA GLY B 6 4.87 -28.46 -2.29
C GLY B 6 4.09 -28.94 -1.14
N ARG B 7 4.75 -29.52 -0.17
CA ARG B 7 4.05 -30.10 0.95
C ARG B 7 3.36 -29.08 1.81
N ASP B 8 3.89 -27.87 1.85
CA ASP B 8 3.28 -26.76 2.56
C ASP B 8 1.96 -26.36 1.90
N TRP B 9 1.98 -26.34 0.58
CA TRP B 9 0.80 -25.96 -0.21
C TRP B 9 -0.38 -26.90 0.01
N LYS B 10 -0.11 -28.21 -0.05
CA LYS B 10 -1.16 -29.21 0.05
C LYS B 10 -1.89 -29.18 1.38
N MET B 11 -1.15 -28.98 2.47
CA MET B 11 -1.75 -28.91 3.79
C MET B 11 -2.64 -27.67 3.93
N ALA B 12 -2.22 -26.58 3.29
CA ALA B 12 -2.98 -25.33 3.31
C ALA B 12 -4.31 -25.49 2.56
N ILE B 13 -4.28 -26.25 1.46
CA ILE B 13 -5.48 -26.50 0.68
C ILE B 13 -6.44 -27.41 1.43
N LYS B 14 -5.88 -28.41 2.10
CA LYS B 14 -6.68 -29.35 2.89
C LYS B 14 -7.39 -28.65 4.05
N ARG B 15 -6.75 -27.59 4.56
CA ARG B 15 -7.33 -26.78 5.62
C ARG B 15 -8.56 -26.01 5.15
N CYS B 16 -8.49 -25.52 3.92
CA CYS B 16 -9.56 -24.69 3.37
C CYS B 16 -10.68 -25.52 2.74
N SER B 17 -10.56 -26.84 2.84
CA SER B 17 -11.54 -27.74 2.27
C SER B 17 -12.79 -27.85 3.15
N ASN B 18 -12.71 -27.27 4.34
CA ASN B 18 -13.85 -27.28 5.26
C ASN B 18 -14.62 -25.97 5.22
N VAL B 19 -14.09 -24.99 4.50
CA VAL B 19 -14.74 -23.70 4.36
C VAL B 19 -15.82 -23.75 3.29
N ALA B 20 -17.00 -23.23 3.61
CA ALA B 20 -18.10 -23.19 2.66
C ALA B 20 -18.09 -21.90 1.84
N VAL B 21 -18.49 -22.01 0.58
CA VAL B 21 -18.52 -20.85 -0.31
C VAL B 21 -19.71 -19.95 0.00
N GLY B 22 -20.89 -20.55 0.13
CA GLY B 22 -22.10 -19.81 0.41
C GLY B 22 -22.36 -19.67 1.90
N VAL B 23 -23.25 -18.76 2.26
CA VAL B 23 -23.56 -18.49 3.66
C VAL B 23 -24.61 -19.47 4.20
N GLY B 24 -25.30 -20.16 3.30
CA GLY B 24 -26.31 -21.12 3.69
C GLY B 24 -25.71 -22.49 3.97
N GLY B 25 -26.51 -23.36 4.61
CA GLY B 25 -26.06 -24.70 4.93
C GLY B 25 -26.03 -25.60 3.71
N LYS B 26 -26.66 -25.15 2.63
CA LYS B 26 -26.71 -25.92 1.39
C LYS B 26 -25.66 -25.40 0.40
N SER B 27 -24.45 -25.17 0.89
CA SER B 27 -23.38 -24.62 0.06
C SER B 27 -22.35 -25.68 -0.32
N LYS B 28 -21.40 -25.30 -1.17
CA LYS B 28 -20.34 -26.21 -1.58
C LYS B 28 -19.04 -25.87 -0.84
N LYS B 29 -18.00 -26.68 -1.07
CA LYS B 29 -16.72 -26.48 -0.40
C LYS B 29 -15.65 -25.98 -1.36
N PHE B 30 -14.66 -25.29 -0.81
CA PHE B 30 -13.53 -24.81 -1.60
C PHE B 30 -12.60 -25.96 -1.97
N GLY B 31 -12.27 -26.06 -3.25
CA GLY B 31 -11.34 -27.06 -3.73
C GLY B 31 -10.03 -26.43 -4.18
N GLU B 32 -9.04 -27.26 -4.47
CA GLU B 32 -7.73 -26.78 -4.91
C GLU B 32 -7.85 -26.00 -6.21
N GLY B 33 -8.77 -26.42 -7.06
CA GLY B 33 -9.01 -25.75 -8.34
C GLY B 33 -9.51 -24.33 -8.18
N ASN B 34 -10.20 -24.06 -7.08
CA ASN B 34 -10.70 -22.73 -6.80
C ASN B 34 -9.58 -21.74 -6.51
N PHE B 35 -8.63 -22.17 -5.69
CA PHE B 35 -7.51 -21.31 -5.31
C PHE B 35 -6.53 -21.12 -6.45
N ARG B 36 -6.40 -22.16 -7.23
CA ARG B 36 -5.59 -22.15 -8.39
C ARG B 36 -6.09 -21.14 -9.36
N TRP B 37 -7.39 -21.11 -9.52
CA TRP B 37 -8.10 -20.18 -10.40
C TRP B 37 -7.97 -18.76 -9.90
N ALA B 38 -8.07 -18.58 -8.58
CA ALA B 38 -8.01 -17.26 -7.97
C ALA B 38 -6.61 -16.65 -8.08
N ILE B 39 -5.60 -17.44 -7.77
CA ILE B 39 -4.21 -16.98 -7.84
C ILE B 39 -3.83 -16.62 -9.27
N ARG B 40 -4.20 -17.48 -10.21
CA ARG B 40 -3.89 -17.25 -11.62
C ARG B 40 -4.59 -16.01 -12.15
N MET B 41 -5.86 -15.86 -11.80
CA MET B 41 -6.65 -14.72 -12.25
C MET B 41 -6.09 -13.42 -11.68
N ALA B 42 -5.57 -13.49 -10.46
CA ALA B 42 -4.99 -12.32 -9.79
C ALA B 42 -3.61 -11.99 -10.34
N ASN B 43 -2.84 -13.02 -10.66
CA ASN B 43 -1.49 -12.82 -11.22
C ASN B 43 -1.53 -12.16 -12.58
N VAL B 44 -2.38 -12.65 -13.46
CA VAL B 44 -2.52 -12.10 -14.80
C VAL B 44 -3.03 -10.66 -14.74
N SER B 45 -4.01 -10.42 -13.87
CA SER B 45 -4.63 -9.10 -13.74
C SER B 45 -3.68 -8.06 -13.15
N THR B 46 -2.66 -8.52 -12.42
CA THR B 46 -1.72 -7.62 -11.77
C THR B 46 -0.33 -7.66 -12.39
N GLY B 47 -0.22 -8.24 -13.57
CA GLY B 47 1.04 -8.27 -14.31
C GLY B 47 2.05 -9.28 -13.81
N ARG B 48 1.61 -10.17 -12.93
CA ARG B 48 2.48 -11.24 -12.43
C ARG B 48 2.46 -12.44 -13.38
N GLU B 49 3.42 -13.33 -13.22
CA GLU B 49 3.47 -14.55 -14.01
C GLU B 49 2.37 -15.50 -13.56
N PRO B 50 1.65 -16.10 -14.53
CA PRO B 50 0.51 -16.97 -14.28
C PRO B 50 0.78 -18.10 -13.29
N GLY B 51 2.02 -18.59 -13.25
CA GLY B 51 2.36 -19.70 -12.37
C GLY B 51 3.07 -19.28 -11.10
N ASP B 52 2.87 -18.03 -10.69
CA ASP B 52 3.51 -17.50 -9.49
C ASP B 52 2.64 -17.69 -8.25
N ILE B 53 3.06 -18.58 -7.36
CA ILE B 53 2.32 -18.85 -6.14
C ILE B 53 3.00 -18.19 -4.94
N PRO B 54 2.24 -17.37 -4.20
CA PRO B 54 2.75 -16.72 -2.98
C PRO B 54 3.11 -17.74 -1.91
N GLU B 55 4.26 -17.57 -1.28
CA GLU B 55 4.70 -18.49 -0.24
C GLU B 55 4.31 -17.98 1.15
N THR B 56 4.72 -16.76 1.47
CA THR B 56 4.43 -16.17 2.76
C THR B 56 3.05 -15.50 2.76
N LEU B 57 2.68 -14.91 3.90
CA LEU B 57 1.42 -14.21 4.01
C LEU B 57 1.51 -12.82 3.38
N ASP B 58 2.63 -12.15 3.60
CA ASP B 58 2.84 -10.81 3.06
C ASP B 58 2.84 -10.79 1.54
N GLN B 59 3.32 -11.88 0.93
CA GLN B 59 3.29 -12.02 -0.51
C GLN B 59 1.86 -12.11 -1.02
N LEU B 60 1.04 -12.87 -0.30
CA LEU B 60 -0.36 -13.03 -0.67
C LEU B 60 -1.14 -11.74 -0.48
N ARG B 61 -0.81 -11.00 0.58
CA ARG B 61 -1.45 -9.73 0.86
C ARG B 61 -1.20 -8.71 -0.26
N LEU B 62 0.02 -8.69 -0.78
CA LEU B 62 0.37 -7.81 -1.88
C LEU B 62 -0.49 -8.11 -3.11
N VAL B 63 -0.70 -9.40 -3.37
CA VAL B 63 -1.54 -9.83 -4.47
C VAL B 63 -2.98 -9.37 -4.25
N ILE B 64 -3.47 -9.58 -3.03
CA ILE B 64 -4.83 -9.17 -2.67
C ILE B 64 -4.99 -7.66 -2.73
N CYS B 65 -3.99 -6.94 -2.21
CA CYS B 65 -4.01 -5.48 -2.22
C CYS B 65 -4.01 -4.93 -3.64
N ASP B 66 -3.11 -5.44 -4.47
CA ASP B 66 -3.02 -5.01 -5.87
C ASP B 66 -4.31 -5.31 -6.63
N LEU B 67 -4.93 -6.45 -6.30
CA LEU B 67 -6.17 -6.85 -6.95
C LEU B 67 -7.35 -6.01 -6.45
N GLN B 68 -7.32 -5.65 -5.18
CA GLN B 68 -8.37 -4.80 -4.61
C GLN B 68 -8.26 -3.37 -5.12
N GLU B 69 -7.04 -2.94 -5.41
CA GLU B 69 -6.81 -1.63 -6.01
C GLU B 69 -7.34 -1.61 -7.43
N ARG B 70 -7.27 -2.76 -8.10
CA ARG B 70 -7.78 -2.92 -9.45
C ARG B 70 -9.30 -2.85 -9.46
N ARG B 71 -9.92 -3.42 -8.44
CA ARG B 71 -11.37 -3.42 -8.32
C ARG B 71 -11.91 -2.02 -8.09
N GLU B 72 -11.11 -1.20 -7.40
CA GLU B 72 -11.53 0.15 -7.05
C GLU B 72 -11.33 1.11 -8.22
N LYS B 73 -10.47 0.73 -9.16
CA LYS B 73 -10.18 1.60 -10.31
C LYS B 73 -10.97 1.23 -11.56
N PHE B 74 -10.95 -0.05 -11.92
CA PHE B 74 -11.60 -0.50 -13.16
C PHE B 74 -13.02 -1.02 -12.93
N GLY B 75 -13.38 -1.28 -11.68
CA GLY B 75 -14.70 -1.75 -11.37
C GLY B 75 -14.73 -3.18 -10.85
N SER B 76 -15.89 -3.61 -10.38
CA SER B 76 -16.03 -4.95 -9.81
C SER B 76 -16.85 -5.87 -10.71
N SER B 77 -16.83 -7.16 -10.37
CA SER B 77 -17.60 -8.16 -11.09
C SER B 77 -17.70 -9.42 -10.24
N LYS B 78 -18.44 -10.41 -10.73
CA LYS B 78 -18.57 -11.68 -10.02
C LYS B 78 -17.22 -12.38 -9.92
N GLU B 79 -16.41 -12.22 -10.96
CA GLU B 79 -15.12 -12.91 -11.05
C GLU B 79 -14.08 -12.34 -10.11
N ILE B 80 -13.88 -11.03 -10.17
CA ILE B 80 -12.86 -10.37 -9.36
C ILE B 80 -13.22 -10.40 -7.87
N ASP B 81 -14.52 -10.45 -7.57
CA ASP B 81 -14.98 -10.52 -6.19
C ASP B 81 -14.76 -11.93 -5.63
N MET B 82 -15.02 -12.94 -6.45
CA MET B 82 -14.80 -14.32 -6.04
C MET B 82 -13.31 -14.59 -5.85
N ALA B 83 -12.49 -13.97 -6.69
CA ALA B 83 -11.04 -14.14 -6.61
C ALA B 83 -10.48 -13.51 -5.34
N ILE B 84 -10.98 -12.32 -5.01
CA ILE B 84 -10.53 -11.59 -3.82
C ILE B 84 -10.88 -12.34 -2.53
N VAL B 85 -12.12 -12.79 -2.42
CA VAL B 85 -12.58 -13.49 -1.22
C VAL B 85 -11.93 -14.87 -1.08
N THR B 86 -11.61 -15.48 -2.21
CA THR B 86 -10.99 -16.81 -2.22
C THR B 86 -9.57 -16.75 -1.66
N LEU B 87 -8.82 -15.73 -2.06
CA LEU B 87 -7.45 -15.57 -1.60
C LEU B 87 -7.40 -15.27 -0.10
N LYS B 88 -8.42 -14.59 0.41
CA LYS B 88 -8.52 -14.29 1.83
C LYS B 88 -8.81 -15.56 2.64
N VAL B 89 -9.60 -16.45 2.07
CA VAL B 89 -9.86 -17.74 2.69
C VAL B 89 -8.58 -18.55 2.79
N PHE B 90 -7.78 -18.50 1.72
CA PHE B 90 -6.50 -19.20 1.69
C PHE B 90 -5.51 -18.60 2.69
N ALA B 91 -5.74 -17.34 3.05
CA ALA B 91 -4.87 -16.64 3.99
C ALA B 91 -5.24 -16.96 5.43
N VAL B 92 -6.54 -16.95 5.73
CA VAL B 92 -7.02 -17.16 7.09
C VAL B 92 -7.01 -18.63 7.49
N ALA B 93 -7.55 -19.49 6.63
CA ALA B 93 -7.66 -20.91 6.93
C ALA B 93 -6.42 -21.69 6.51
N GLY B 94 -5.75 -21.23 5.45
CA GLY B 94 -4.60 -21.93 4.92
C GLY B 94 -3.28 -21.56 5.59
N LEU B 95 -2.85 -20.32 5.38
CA LEU B 95 -1.56 -19.87 5.88
C LEU B 95 -1.54 -19.65 7.39
N LEU B 96 -2.65 -19.13 7.91
CA LEU B 96 -2.74 -18.82 9.34
C LEU B 96 -3.37 -19.96 10.14
N ASN B 97 -3.97 -20.91 9.42
CA ASN B 97 -4.60 -22.08 10.04
C ASN B 97 -5.66 -21.70 11.08
N MET B 98 -6.48 -20.71 10.74
CA MET B 98 -7.56 -20.27 11.63
C MET B 98 -8.89 -20.80 11.12
N THR B 99 -9.55 -21.60 11.95
CA THR B 99 -10.79 -22.28 11.55
C THR B 99 -11.94 -21.30 11.27
N VAL B 100 -12.33 -21.20 10.00
CA VAL B 100 -13.49 -20.42 9.62
C VAL B 100 -14.49 -21.31 8.88
N SER B 101 -15.78 -20.99 9.02
CA SER B 101 -16.83 -21.81 8.43
C SER B 101 -17.14 -21.41 6.99
N THR B 102 -17.33 -20.12 6.76
CA THR B 102 -17.68 -19.62 5.43
C THR B 102 -16.65 -18.65 4.89
N ALA B 103 -16.78 -18.32 3.61
CA ALA B 103 -15.87 -17.37 2.96
C ALA B 103 -16.10 -15.96 3.47
N ALA B 104 -17.36 -15.67 3.84
CA ALA B 104 -17.71 -14.36 4.38
C ALA B 104 -17.08 -14.15 5.75
N ALA B 105 -16.90 -15.24 6.48
CA ALA B 105 -16.29 -15.19 7.80
C ALA B 105 -14.79 -14.94 7.70
N ALA B 106 -14.17 -15.52 6.67
CA ALA B 106 -12.73 -15.36 6.45
C ALA B 106 -12.41 -13.93 6.03
N GLU B 107 -13.26 -13.36 5.18
CA GLU B 107 -13.09 -11.99 4.73
C GLU B 107 -13.23 -11.03 5.90
N ASN B 108 -14.19 -11.31 6.78
CA ASN B 108 -14.40 -10.50 7.97
C ASN B 108 -13.21 -10.61 8.93
N MET B 109 -12.63 -11.81 9.01
CA MET B 109 -11.45 -12.02 9.82
C MET B 109 -10.22 -11.38 9.19
N TYR B 110 -10.18 -11.37 7.86
CA TYR B 110 -9.07 -10.77 7.12
C TYR B 110 -9.03 -9.27 7.33
N SER B 111 -10.20 -8.67 7.50
CA SER B 111 -10.32 -7.23 7.66
C SER B 111 -10.03 -6.78 9.09
N GLN B 112 -10.50 -7.55 10.07
CA GLN B 112 -10.35 -7.18 11.47
C GLN B 112 -8.89 -7.27 11.95
N MET B 113 -8.11 -8.16 11.33
CA MET B 113 -6.71 -8.31 11.69
C MET B 113 -5.83 -7.31 10.96
N GLY B 114 -6.46 -6.43 10.18
CA GLY B 114 -5.76 -5.37 9.49
C GLY B 114 -4.90 -5.86 8.34
N LEU B 115 -5.29 -6.97 7.73
CA LEU B 115 -4.55 -7.53 6.61
C LEU B 115 -4.86 -6.79 5.30
N ASP B 116 -5.88 -5.95 5.33
CA ASP B 116 -6.24 -5.13 4.19
C ASP B 116 -5.21 -4.01 3.96
N THR B 117 -4.48 -3.68 5.01
CA THR B 117 -3.43 -2.68 4.92
C THR B 117 -2.23 -3.23 4.15
N ARG B 118 -1.69 -2.43 3.24
CA ARG B 118 -0.55 -2.84 2.44
C ARG B 118 0.72 -2.94 3.28
N PRO B 119 1.36 -4.12 3.28
CA PRO B 119 2.57 -4.36 4.06
C PRO B 119 3.79 -3.65 3.48
N SER B 120 4.76 -3.34 4.32
CA SER B 120 5.98 -2.66 3.87
C SER B 120 7.21 -3.51 4.13
C21 7PE C . 14.97 25.97 -6.15
C20 7PE C . 14.42 25.26 -7.34
O19 7PE C . 15.32 24.32 -7.81
C18 7PE C . 15.80 23.34 -6.96
C17 7PE C . 16.19 22.14 -7.77
O16 7PE C . 15.07 21.45 -8.18
C15 7PE C . 14.66 20.35 -7.48
C14 7PE C . 13.18 20.25 -7.47
O13 7PE C . 12.66 20.96 -8.53
C12 7PE C . 12.00 22.15 -8.30
C11 7PE C . 12.07 22.97 -9.54
O10 7PE C . 10.98 22.70 -10.35
C9 7PE C . 9.72 23.20 -10.10
C8 7PE C . 8.77 22.68 -11.11
O7 7PE C . 7.46 22.90 -10.73
C6 7PE C . 7.11 23.98 -9.95
C5 7PE C . 5.64 24.18 -9.98
O4 7PE C . 5.37 25.18 -10.89
C3 7PE C . 4.10 25.30 -11.38
C2 7PE C . 3.79 26.74 -11.49
O1 7PE C . 2.44 26.98 -11.28
C21 7PE D . -12.06 -28.04 -13.58
C20 7PE D . -11.06 -27.86 -12.48
O19 7PE D . -9.80 -28.06 -12.97
C18 7PE D . -8.71 -27.71 -12.20
C17 7PE D . -7.45 -28.19 -12.84
O16 7PE D . -6.40 -27.39 -12.47
C15 7PE D . -6.13 -26.24 -13.20
C14 7PE D . -6.26 -25.04 -12.30
O13 7PE D . -6.39 -23.92 -13.09
C12 7PE D . -7.41 -23.03 -12.84
C11 7PE D . -8.67 -23.52 -13.47
O10 7PE D . -9.57 -23.86 -12.48
C9 7PE D . -10.88 -23.44 -12.58
C8 7PE D . -11.69 -24.13 -11.53
O7 7PE D . -12.87 -23.47 -11.35
C6 7PE D . -12.93 -22.41 -10.47
C5 7PE D . -13.96 -21.43 -10.94
O4 7PE D . -14.30 -20.59 -9.90
C3 7PE D . -14.70 -19.30 -10.17
C2 7PE D . -16.18 -19.27 -10.39
O1 7PE D . -16.46 -19.48 -11.72
#